data_4OPF
#
_entry.id   4OPF
#
_cell.length_a   145.922
_cell.length_b   145.922
_cell.length_c   145.922
_cell.angle_alpha   90.00
_cell.angle_beta   90.00
_cell.angle_gamma   90.00
#
_symmetry.space_group_name_H-M   'P 43 3 2'
#
loop_
_entity.id
_entity.type
_entity.pdbx_description
1 polymer NRPS/PKS
2 water water
#
_entity_poly.entity_id   1
_entity_poly.type   'polypeptide(L)'
_entity_poly.pdbx_seq_one_letter_code
;SNADTPYDIAVVG(MSE)SGRFPGAPDLDAYWRLLSEGRSAIAPVPARRWADGTKYTAGLLDLEGFDPGHFHLSDADAAA
(MSE)DPQALLLLEETLFAFCDAGYAPDELKGRGIGVYVGGRSRHVPDEATLGRSRNPVVAVGQNYLAANLSHHFDLRGP
STVVDTACSSALVALHHAAQALRSGDVEAAVVAGVTLLPDAGGHRLFDRRGLLNTGTEFHVFDRRARGFTPAEGVGVLLL
KPLAAAEAAGDRVHAVLKGIAVNNDGRTAGPATPNPAAQRGV(MSE)ARALAKAGVAADDVTYIETNAAGSQIPDLIELK
AIAAVYRDGSDTPCSLGSVKPNIGHPQCAEGIAGVIKTVL(MSE)LRNRAIVPFLSGRQPLEHFDFAATPLRFERALTPW
PDAPLLAAVSSFADGGTNAHAVLAGRTNGTTGRRAPLDRPRLARRGLPAAGAER
;
_entity_poly.pdbx_strand_id   A
#
# COMPACT_ATOMS: atom_id res chain seq x y z
N PRO A 6 -16.30 -8.03 12.00
CA PRO A 6 -14.99 -7.35 12.17
C PRO A 6 -13.85 -8.38 12.30
N TYR A 7 -13.09 -8.58 11.24
CA TYR A 7 -12.15 -9.70 11.16
C TYR A 7 -10.71 -9.13 11.03
N ASP A 8 -9.90 -9.28 12.07
CA ASP A 8 -8.62 -8.55 12.18
C ASP A 8 -7.47 -9.35 11.52
N ILE A 9 -6.70 -8.71 10.69
CA ILE A 9 -5.64 -9.41 9.97
C ILE A 9 -4.34 -8.75 10.33
N ALA A 10 -3.37 -9.51 10.85
CA ALA A 10 -2.06 -8.99 11.17
C ALA A 10 -1.14 -8.93 9.95
N VAL A 11 -0.39 -7.84 9.85
CA VAL A 11 0.74 -7.76 8.96
C VAL A 11 1.90 -8.31 9.74
N VAL A 12 2.35 -9.53 9.42
CA VAL A 12 3.40 -10.15 10.15
C VAL A 12 4.77 -10.03 9.51
N GLY A 13 4.84 -9.47 8.30
CA GLY A 13 6.11 -9.23 7.71
C GLY A 13 5.96 -8.36 6.49
N SER A 15 8.35 -6.07 3.24
CA SER A 15 9.54 -5.62 2.58
C SER A 15 9.12 -4.76 1.44
N GLY A 16 10.05 -3.96 0.98
CA GLY A 16 9.80 -3.13 -0.22
C GLY A 16 10.98 -2.29 -0.66
N ARG A 17 10.82 -1.66 -1.82
CA ARG A 17 11.88 -0.92 -2.46
C ARG A 17 11.22 0.17 -3.27
N PHE A 18 11.64 1.42 -3.12
CA PHE A 18 11.02 2.56 -3.80
C PHE A 18 12.10 3.54 -4.19
N PRO A 19 11.79 4.49 -5.09
CA PRO A 19 12.81 5.47 -5.47
C PRO A 19 13.40 6.14 -4.24
N GLY A 20 14.70 6.24 -4.19
CA GLY A 20 15.41 6.82 -3.05
C GLY A 20 15.40 5.92 -1.84
N ALA A 21 14.87 4.68 -1.93
CA ALA A 21 14.71 3.85 -0.73
C ALA A 21 14.89 2.35 -1.02
N PRO A 22 16.13 1.82 -0.94
CA PRO A 22 16.40 0.43 -1.24
C PRO A 22 15.81 -0.61 -0.31
N ASP A 23 15.32 -0.22 0.86
CA ASP A 23 14.68 -1.14 1.79
C ASP A 23 13.79 -0.28 2.68
N LEU A 24 13.04 -0.88 3.59
CA LEU A 24 12.05 -0.18 4.35
C LEU A 24 12.62 0.79 5.41
N ASP A 25 13.82 0.54 5.88
CA ASP A 25 14.45 1.46 6.79
C ASP A 25 14.79 2.74 6.03
N ALA A 26 15.28 2.62 4.80
CA ALA A 26 15.54 3.79 4.01
C ALA A 26 14.21 4.48 3.60
N TYR A 27 13.15 3.71 3.37
CA TYR A 27 11.88 4.29 3.05
C TYR A 27 11.37 5.14 4.25
N TRP A 28 11.47 4.61 5.45
CA TRP A 28 11.09 5.34 6.62
C TRP A 28 11.91 6.60 6.77
N ARG A 29 13.21 6.55 6.56
CA ARG A 29 14.04 7.75 6.61
C ARG A 29 13.61 8.78 5.57
N LEU A 30 13.39 8.34 4.33
CA LEU A 30 12.94 9.23 3.31
C LEU A 30 11.65 9.95 3.72
N LEU A 31 10.66 9.19 4.18
CA LEU A 31 9.37 9.76 4.47
C LEU A 31 9.37 10.62 5.72
N SER A 32 10.02 10.14 6.77
CA SER A 32 10.00 10.83 8.01
C SER A 32 10.81 12.12 7.95
N GLU A 33 11.86 12.18 7.12
CA GLU A 33 12.63 13.43 6.94
C GLU A 33 11.97 14.39 5.98
N GLY A 34 10.96 13.91 5.28
CA GLY A 34 10.23 14.70 4.31
C GLY A 34 11.03 14.91 3.04
N ARG A 35 11.90 13.94 2.70
CA ARG A 35 12.69 14.04 1.48
C ARG A 35 11.94 13.57 0.28
N SER A 36 12.37 14.01 -0.89
CA SER A 36 11.82 13.54 -2.15
C SER A 36 12.90 12.90 -3.00
N ALA A 37 12.62 11.75 -3.58
CA ALA A 37 13.54 11.11 -4.52
C ALA A 37 13.29 11.58 -5.95
N ILE A 38 12.26 12.34 -6.19
CA ILE A 38 12.02 12.93 -7.50
C ILE A 38 12.64 14.33 -7.59
N ALA A 39 12.22 15.23 -6.69
CA ALA A 39 12.61 16.66 -6.71
C ALA A 39 13.01 17.18 -5.34
N GLY A 55 12.29 8.75 -11.43
CA GLY A 55 11.60 7.90 -10.37
C GLY A 55 11.88 6.37 -10.44
N LEU A 56 13.17 6.02 -10.54
CA LEU A 56 13.58 4.67 -10.82
C LEU A 56 14.21 4.04 -9.61
N LEU A 57 14.09 2.70 -9.55
CA LEU A 57 14.78 1.90 -8.55
C LEU A 57 16.18 1.83 -9.13
N ASP A 58 17.19 1.70 -8.30
CA ASP A 58 18.54 1.54 -8.84
C ASP A 58 18.85 0.08 -8.71
N LEU A 59 18.30 -0.71 -9.61
CA LEU A 59 18.48 -2.15 -9.59
C LEU A 59 19.90 -2.48 -10.02
N GLU A 60 20.55 -3.36 -9.28
CA GLU A 60 21.91 -3.79 -9.63
C GLU A 60 21.98 -5.20 -10.21
N GLY A 61 20.92 -5.60 -10.90
CA GLY A 61 20.80 -6.98 -11.36
C GLY A 61 20.12 -7.87 -10.32
N PHE A 62 20.27 -9.17 -10.54
CA PHE A 62 19.49 -10.17 -9.84
C PHE A 62 20.41 -11.32 -9.58
N ASP A 63 19.98 -12.23 -8.70
CA ASP A 63 20.68 -13.50 -8.45
C ASP A 63 19.80 -14.69 -8.83
N PRO A 64 19.71 -15.03 -10.12
CA PRO A 64 18.85 -16.13 -10.60
C PRO A 64 19.14 -17.44 -9.89
N GLY A 65 20.43 -17.71 -9.66
CA GLY A 65 20.92 -18.95 -9.05
C GLY A 65 20.24 -19.26 -7.71
N HIS A 66 20.09 -18.22 -6.90
CA HIS A 66 19.48 -18.36 -5.61
C HIS A 66 18.08 -18.85 -5.77
N PHE A 67 17.44 -18.44 -6.86
CA PHE A 67 16.08 -18.90 -7.13
C PHE A 67 15.97 -20.08 -8.08
N HIS A 68 17.06 -20.83 -8.26
CA HIS A 68 17.00 -21.99 -9.15
C HIS A 68 16.62 -21.64 -10.54
N LEU A 69 17.14 -20.52 -11.01
CA LEU A 69 16.90 -20.09 -12.37
C LEU A 69 18.23 -19.98 -13.09
N SER A 70 18.21 -20.30 -14.36
CA SER A 70 19.38 -20.08 -15.17
C SER A 70 19.41 -18.60 -15.62
N ASP A 71 20.55 -18.15 -16.14
CA ASP A 71 20.66 -16.81 -16.68
C ASP A 71 19.79 -16.67 -17.90
N ALA A 72 19.63 -17.71 -18.67
CA ALA A 72 18.79 -17.64 -19.83
C ALA A 72 17.33 -17.52 -19.38
N ASP A 73 16.95 -18.24 -18.34
CA ASP A 73 15.58 -18.20 -17.84
C ASP A 73 15.31 -16.74 -17.40
N ALA A 74 16.21 -16.23 -16.57
CA ALA A 74 16.08 -14.93 -16.03
C ALA A 74 16.09 -13.88 -17.13
N ALA A 75 16.92 -14.03 -18.16
CA ALA A 75 16.93 -13.05 -19.23
C ALA A 75 15.64 -13.05 -20.00
N ALA A 76 14.92 -14.15 -20.05
CA ALA A 76 13.62 -14.21 -20.75
C ALA A 76 12.42 -13.86 -19.84
N ASP A 78 10.07 -11.48 -17.28
CA ASP A 78 9.75 -10.12 -16.87
C ASP A 78 10.59 -9.77 -15.62
N PRO A 79 11.34 -8.67 -15.69
CA PRO A 79 12.11 -8.32 -14.48
C PRO A 79 11.28 -8.00 -13.25
N GLN A 80 10.01 -7.64 -13.43
CA GLN A 80 9.11 -7.48 -12.29
C GLN A 80 8.98 -8.79 -11.53
N ALA A 81 9.04 -9.93 -12.23
CA ALA A 81 8.91 -11.20 -11.59
C ALA A 81 10.14 -11.48 -10.73
N LEU A 82 11.31 -11.20 -11.25
CA LEU A 82 12.55 -11.42 -10.51
C LEU A 82 12.61 -10.53 -9.27
N LEU A 83 12.18 -9.28 -9.40
CA LEU A 83 12.14 -8.40 -8.27
C LEU A 83 11.18 -8.86 -7.19
N LEU A 84 10.00 -9.34 -7.58
CA LEU A 84 9.04 -9.90 -6.63
C LEU A 84 9.60 -11.11 -5.88
N LEU A 85 10.35 -11.96 -6.58
CA LEU A 85 10.98 -13.10 -5.90
C LEU A 85 11.91 -12.65 -4.75
N GLU A 86 12.75 -11.67 -5.03
CA GLU A 86 13.64 -11.11 -4.00
C GLU A 86 12.84 -10.50 -2.89
N GLU A 87 11.92 -9.64 -3.23
CA GLU A 87 11.20 -8.94 -2.16
C GLU A 87 10.32 -9.86 -1.36
N THR A 88 9.76 -10.90 -1.96
CA THR A 88 8.96 -11.86 -1.20
C THR A 88 9.90 -12.59 -0.23
N LEU A 89 11.07 -13.03 -0.70
CA LEU A 89 12.05 -13.61 0.19
C LEU A 89 12.36 -12.66 1.35
N PHE A 90 12.55 -11.37 1.07
CA PHE A 90 12.86 -10.44 2.11
C PHE A 90 11.70 -10.21 3.08
N ALA A 91 10.47 -10.30 2.61
CA ALA A 91 9.34 -10.18 3.52
C ALA A 91 9.26 -11.37 4.45
N PHE A 92 9.57 -12.55 3.96
CA PHE A 92 9.61 -13.73 4.83
C PHE A 92 10.70 -13.59 5.89
N CYS A 93 11.88 -13.14 5.48
CA CYS A 93 12.96 -12.76 6.42
C CYS A 93 12.45 -11.79 7.50
N ASP A 94 11.77 -10.75 7.09
CA ASP A 94 11.29 -9.75 8.05
C ASP A 94 10.32 -10.37 9.07
N ALA A 95 9.47 -11.30 8.61
CA ALA A 95 8.49 -12.00 9.46
C ALA A 95 9.15 -13.02 10.37
N GLY A 96 10.39 -13.36 10.09
CA GLY A 96 11.12 -14.33 10.85
C GLY A 96 10.91 -15.76 10.40
N TYR A 97 10.47 -15.99 9.17
CA TYR A 97 10.26 -17.36 8.66
C TYR A 97 11.29 -17.64 7.57
N ALA A 98 11.94 -18.80 7.63
CA ALA A 98 12.77 -19.26 6.50
C ALA A 98 11.80 -19.88 5.48
N PRO A 99 12.16 -19.88 4.20
CA PRO A 99 11.28 -20.48 3.16
C PRO A 99 10.88 -21.92 3.44
N ASP A 100 11.79 -22.73 3.96
CA ASP A 100 11.47 -24.12 4.33
C ASP A 100 10.32 -24.24 5.32
N GLU A 101 10.13 -23.27 6.19
CA GLU A 101 8.98 -23.30 7.08
C GLU A 101 7.64 -22.99 6.37
N LEU A 102 7.68 -22.44 5.15
CA LEU A 102 6.45 -21.98 4.49
C LEU A 102 6.08 -22.90 3.33
N LYS A 103 7.01 -23.73 2.94
CA LYS A 103 6.75 -24.54 1.76
C LYS A 103 5.67 -25.61 1.99
N GLY A 104 4.82 -25.76 1.02
CA GLY A 104 3.75 -26.70 1.16
C GLY A 104 2.56 -26.15 1.89
N ARG A 105 2.60 -24.91 2.37
CA ARG A 105 1.48 -24.44 3.18
C ARG A 105 0.38 -23.76 2.37
N GLY A 106 -0.79 -23.66 2.96
CA GLY A 106 -1.98 -23.04 2.32
C GLY A 106 -1.93 -21.53 2.33
N ILE A 107 -0.98 -20.99 1.61
CA ILE A 107 -0.70 -19.57 1.62
C ILE A 107 -1.06 -19.02 0.23
N GLY A 108 -1.96 -18.05 0.18
CA GLY A 108 -2.35 -17.44 -1.08
C GLY A 108 -1.38 -16.34 -1.47
N VAL A 109 -1.33 -16.05 -2.75
CA VAL A 109 -0.49 -15.04 -3.32
C VAL A 109 -1.38 -14.13 -4.18
N TYR A 110 -1.35 -12.84 -3.88
CA TYR A 110 -2.20 -11.86 -4.52
C TYR A 110 -1.35 -10.70 -4.94
N VAL A 111 -1.18 -10.51 -6.24
CA VAL A 111 -0.27 -9.51 -6.74
C VAL A 111 -0.95 -8.46 -7.55
N GLY A 112 -0.65 -7.19 -7.25
CA GLY A 112 -1.09 -6.11 -8.10
C GLY A 112 0.02 -5.73 -9.04
N GLY A 113 -0.22 -5.82 -10.31
CA GLY A 113 0.82 -5.58 -11.25
C GLY A 113 0.38 -5.82 -12.67
N ARG A 114 1.13 -5.24 -13.59
CA ARG A 114 0.78 -5.29 -15.00
C ARG A 114 1.77 -6.21 -15.68
N SER A 115 1.24 -7.25 -16.25
CA SER A 115 1.98 -8.29 -16.88
C SER A 115 2.37 -7.79 -18.24
N ARG A 116 3.51 -8.23 -18.73
CA ARG A 116 3.95 -7.84 -20.07
C ARG A 116 3.97 -9.05 -20.99
N GLY A 135 1.76 -17.00 -17.52
CA GLY A 135 0.78 -16.81 -18.57
C GLY A 135 -0.25 -15.76 -18.18
N GLN A 136 0.19 -14.51 -18.06
CA GLN A 136 -0.61 -13.39 -17.48
C GLN A 136 -0.83 -13.47 -15.98
N ASN A 137 -0.68 -14.69 -15.44
CA ASN A 137 -0.75 -14.87 -14.00
C ASN A 137 0.65 -15.08 -13.47
N TYR A 138 1.68 -15.00 -14.35
CA TYR A 138 3.04 -15.43 -13.99
C TYR A 138 3.59 -14.65 -12.78
N LEU A 139 3.18 -13.39 -12.59
CA LEU A 139 3.72 -12.63 -11.48
C LEU A 139 3.39 -13.32 -10.14
N ALA A 140 2.16 -13.82 -10.00
CA ALA A 140 1.78 -14.57 -8.80
C ALA A 140 2.29 -16.02 -8.88
N ALA A 141 2.14 -16.66 -10.02
CA ALA A 141 2.47 -18.10 -10.19
C ALA A 141 3.94 -18.38 -9.98
N ASN A 142 4.83 -17.46 -10.37
CA ASN A 142 6.24 -17.65 -10.07
C ASN A 142 6.50 -17.74 -8.61
N LEU A 143 5.78 -16.97 -7.80
CA LEU A 143 6.00 -16.97 -6.39
C LEU A 143 5.49 -18.27 -5.79
N SER A 144 4.30 -18.67 -6.19
CA SER A 144 3.71 -19.90 -5.70
C SER A 144 4.59 -21.07 -6.08
N HIS A 145 5.13 -21.05 -7.30
CA HIS A 145 5.98 -22.14 -7.74
C HIS A 145 7.30 -22.17 -6.95
N HIS A 146 7.98 -21.03 -6.84
CA HIS A 146 9.28 -21.02 -6.24
C HIS A 146 9.23 -21.33 -4.74
N PHE A 147 8.27 -20.76 -4.01
CA PHE A 147 8.17 -20.97 -2.59
C PHE A 147 7.27 -22.15 -2.22
N ASP A 148 6.69 -22.82 -3.22
CA ASP A 148 5.78 -23.98 -3.06
C ASP A 148 4.54 -23.64 -2.17
N LEU A 149 3.89 -22.54 -2.48
CA LEU A 149 2.74 -22.06 -1.76
C LEU A 149 1.50 -22.62 -2.46
N ARG A 150 0.53 -23.08 -1.70
CA ARG A 150 -0.56 -23.91 -2.25
C ARG A 150 -1.92 -23.24 -2.19
N GLY A 151 -1.97 -22.00 -1.74
CA GLY A 151 -3.22 -21.23 -1.74
C GLY A 151 -3.50 -20.70 -3.14
N PRO A 152 -4.64 -20.05 -3.34
CA PRO A 152 -4.88 -19.38 -4.63
C PRO A 152 -3.79 -18.40 -5.00
N SER A 153 -3.49 -18.29 -6.30
CA SER A 153 -2.41 -17.48 -6.77
C SER A 153 -2.96 -16.61 -7.85
N THR A 154 -3.09 -15.30 -7.62
CA THR A 154 -3.77 -14.44 -8.57
C THR A 154 -3.12 -13.09 -8.74
N VAL A 155 -3.22 -12.57 -9.94
CA VAL A 155 -2.73 -11.29 -10.28
C VAL A 155 -3.93 -10.43 -10.66
N VAL A 156 -3.91 -9.17 -10.21
CA VAL A 156 -4.90 -8.20 -10.64
C VAL A 156 -4.26 -6.95 -11.20
N ASP A 157 -4.85 -6.44 -12.27
CA ASP A 157 -4.45 -5.13 -12.77
C ASP A 157 -5.64 -4.13 -12.84
N THR A 158 -5.73 -3.24 -11.86
CA THR A 158 -6.75 -2.19 -11.83
C THR A 158 -6.01 -0.89 -11.64
N ALA A 159 -4.87 -0.78 -12.33
CA ALA A 159 -4.03 0.44 -12.34
C ALA A 159 -3.59 0.76 -10.93
N CYS A 160 -3.81 2.00 -10.47
CA CYS A 160 -3.21 2.44 -9.21
C CYS A 160 -3.81 1.74 -8.01
N SER A 161 -5.03 1.22 -8.15
CA SER A 161 -5.66 0.50 -7.05
C SER A 161 -5.31 -1.01 -7.00
N SER A 162 -4.47 -1.49 -7.88
CA SER A 162 -4.21 -2.94 -8.03
C SER A 162 -3.80 -3.59 -6.71
N ALA A 163 -2.88 -2.99 -6.00
CA ALA A 163 -2.39 -3.61 -4.75
C ALA A 163 -3.42 -3.63 -3.62
N LEU A 164 -4.27 -2.60 -3.54
CA LEU A 164 -5.41 -2.63 -2.64
C LEU A 164 -6.47 -3.62 -3.05
N VAL A 165 -6.67 -3.79 -4.33
CA VAL A 165 -7.61 -4.84 -4.77
C VAL A 165 -7.06 -6.21 -4.44
N ALA A 166 -5.75 -6.39 -4.64
CA ALA A 166 -5.10 -7.67 -4.23
C ALA A 166 -5.23 -7.88 -2.72
N LEU A 167 -5.03 -6.81 -1.95
CA LEU A 167 -5.25 -6.87 -0.48
C LEU A 167 -6.70 -7.30 -0.06
N HIS A 168 -7.69 -6.82 -0.81
CA HIS A 168 -9.06 -7.18 -0.62
C HIS A 168 -9.28 -8.68 -0.94
N HIS A 169 -8.71 -9.18 -2.03
CA HIS A 169 -8.86 -10.64 -2.31
C HIS A 169 -8.20 -11.42 -1.17
N ALA A 170 -7.05 -10.95 -0.67
CA ALA A 170 -6.41 -11.67 0.40
C ALA A 170 -7.27 -11.67 1.67
N ALA A 171 -7.80 -10.52 2.03
CA ALA A 171 -8.65 -10.43 3.24
C ALA A 171 -9.90 -11.31 3.13
N GLN A 172 -10.53 -11.33 1.96
CA GLN A 172 -11.68 -12.24 1.78
C GLN A 172 -11.25 -13.67 1.95
N ALA A 173 -10.06 -14.02 1.42
CA ALA A 173 -9.63 -15.39 1.53
C ALA A 173 -9.34 -15.76 2.96
N LEU A 174 -8.73 -14.85 3.70
CA LEU A 174 -8.42 -15.12 5.07
C LEU A 174 -9.72 -15.20 5.93
N ARG A 175 -10.62 -14.26 5.75
CA ARG A 175 -11.91 -14.23 6.48
C ARG A 175 -12.74 -15.52 6.25
N SER A 176 -12.73 -16.07 5.04
CA SER A 176 -13.48 -17.27 4.73
C SER A 176 -12.75 -18.55 5.12
N GLY A 177 -11.53 -18.46 5.62
CA GLY A 177 -10.80 -19.70 6.01
C GLY A 177 -10.21 -20.43 4.80
N ASP A 178 -10.18 -19.81 3.63
CA ASP A 178 -9.59 -20.46 2.46
C ASP A 178 -8.04 -20.57 2.48
N VAL A 179 -7.36 -19.65 3.17
CA VAL A 179 -5.90 -19.68 3.34
C VAL A 179 -5.59 -19.44 4.81
N GLU A 180 -4.48 -19.97 5.27
CA GLU A 180 -3.97 -19.65 6.60
C GLU A 180 -3.12 -18.36 6.59
N ALA A 181 -2.66 -17.94 5.43
CA ALA A 181 -1.85 -16.75 5.36
C ALA A 181 -1.83 -16.32 3.93
N ALA A 182 -1.40 -15.10 3.69
CA ALA A 182 -1.42 -14.51 2.34
C ALA A 182 -0.23 -13.60 2.09
N VAL A 183 0.33 -13.71 0.91
CA VAL A 183 1.31 -12.78 0.45
C VAL A 183 0.56 -11.78 -0.43
N VAL A 184 0.74 -10.50 -0.19
CA VAL A 184 0.12 -9.45 -1.00
C VAL A 184 1.25 -8.56 -1.47
N ALA A 185 1.29 -8.25 -2.75
CA ALA A 185 2.36 -7.45 -3.30
C ALA A 185 1.81 -6.50 -4.32
N GLY A 186 2.61 -5.48 -4.59
CA GLY A 186 2.40 -4.60 -5.74
C GLY A 186 3.74 -4.36 -6.36
N VAL A 187 3.79 -4.26 -7.67
CA VAL A 187 5.03 -4.07 -8.36
C VAL A 187 4.82 -3.25 -9.64
N THR A 188 5.77 -2.34 -9.90
CA THR A 188 5.86 -1.66 -11.20
C THR A 188 7.30 -1.40 -11.52
N LEU A 189 7.72 -1.83 -12.68
CA LEU A 189 8.95 -1.38 -13.29
C LEU A 189 8.55 -0.76 -14.64
N LEU A 190 9.24 0.30 -15.03
CA LEU A 190 8.90 0.97 -16.26
C LEU A 190 9.55 0.27 -17.42
N PRO A 191 8.82 0.13 -18.55
CA PRO A 191 9.40 -0.27 -19.84
C PRO A 191 10.42 0.75 -20.38
N HIS A 212 2.79 18.34 -8.06
CA HIS A 212 1.97 19.04 -7.06
C HIS A 212 0.54 18.48 -6.89
N VAL A 213 0.10 18.33 -5.64
CA VAL A 213 -1.24 17.86 -5.34
C VAL A 213 -1.95 18.76 -4.32
N PHE A 214 -3.29 18.69 -4.29
CA PHE A 214 -4.19 19.52 -3.43
C PHE A 214 -3.85 21.02 -3.47
N ASP A 215 -3.60 21.47 -4.71
CA ASP A 215 -2.74 22.60 -5.02
C ASP A 215 -2.99 23.03 -6.48
N ARG A 216 -2.97 24.33 -6.76
CA ARG A 216 -3.21 24.86 -8.14
C ARG A 216 -2.20 24.49 -9.26
N ARG A 217 -0.96 24.12 -8.93
CA ARG A 217 0.00 23.73 -9.97
C ARG A 217 -0.12 22.26 -10.40
N ALA A 218 -1.04 21.51 -9.76
CA ALA A 218 -1.22 20.06 -9.99
C ALA A 218 -1.41 19.65 -11.48
N ARG A 219 -0.48 18.80 -11.96
CA ARG A 219 -0.38 18.37 -13.36
C ARG A 219 -0.23 16.82 -13.53
N GLY A 220 -0.58 16.02 -12.52
CA GLY A 220 -0.19 14.59 -12.50
C GLY A 220 1.30 14.45 -12.21
N PHE A 221 1.74 13.22 -11.91
CA PHE A 221 3.08 13.00 -11.33
C PHE A 221 4.06 12.38 -12.30
N THR A 222 5.34 12.38 -11.93
CA THR A 222 6.31 11.52 -12.59
C THR A 222 5.91 10.04 -12.36
N PRO A 223 5.74 9.29 -13.44
CA PRO A 223 5.67 7.84 -13.25
C PRO A 223 6.93 7.34 -12.56
N ALA A 224 6.72 6.36 -11.68
CA ALA A 224 7.76 5.83 -10.84
C ALA A 224 7.68 4.29 -10.76
N GLU A 225 8.72 3.71 -10.21
CA GLU A 225 8.84 2.29 -10.01
C GLU A 225 8.64 2.05 -8.55
N GLY A 226 8.37 0.80 -8.23
CA GLY A 226 8.29 0.39 -6.85
C GLY A 226 7.86 -1.06 -6.70
N VAL A 227 8.13 -1.60 -5.53
CA VAL A 227 7.67 -2.93 -5.13
C VAL A 227 7.50 -2.99 -3.61
N GLY A 228 6.46 -3.69 -3.20
CA GLY A 228 6.19 -3.92 -1.80
C GLY A 228 5.53 -5.26 -1.63
N VAL A 229 5.89 -5.96 -0.56
CA VAL A 229 5.29 -7.25 -0.23
C VAL A 229 4.94 -7.30 1.23
N LEU A 230 3.71 -7.74 1.53
CA LEU A 230 3.21 -8.00 2.91
C LEU A 230 2.94 -9.47 3.09
N LEU A 231 3.27 -10.00 4.27
CA LEU A 231 2.78 -11.30 4.67
C LEU A 231 1.70 -11.06 5.72
N LEU A 232 0.54 -11.67 5.52
CA LEU A 232 -0.64 -11.52 6.35
C LEU A 232 -1.13 -12.82 6.95
N LYS A 233 -1.62 -12.76 8.16
CA LYS A 233 -2.26 -13.89 8.85
C LYS A 233 -3.44 -13.35 9.70
N PRO A 234 -4.39 -14.19 10.04
CA PRO A 234 -5.43 -13.75 10.99
C PRO A 234 -4.77 -13.36 12.32
N LEU A 235 -5.20 -12.26 12.91
CA LEU A 235 -4.56 -11.76 14.15
C LEU A 235 -4.49 -12.80 15.27
N ALA A 236 -5.56 -13.53 15.54
CA ALA A 236 -5.49 -14.51 16.64
C ALA A 236 -4.45 -15.57 16.37
N ALA A 237 -4.28 -15.96 15.10
CA ALA A 237 -3.27 -16.96 14.75
C ALA A 237 -1.86 -16.38 14.93
N ALA A 238 -1.67 -15.14 14.53
CA ALA A 238 -0.37 -14.48 14.70
C ALA A 238 0.00 -14.38 16.18
N GLU A 239 -0.97 -14.02 17.01
CA GLU A 239 -0.73 -13.84 18.45
C GLU A 239 -0.38 -15.17 19.09
N ALA A 240 -1.14 -16.20 18.81
CA ALA A 240 -0.78 -17.55 19.27
C ALA A 240 0.58 -18.04 18.78
N ALA A 241 1.02 -17.69 17.58
CA ALA A 241 2.31 -18.21 17.15
C ALA A 241 3.48 -17.36 17.58
N GLY A 242 3.23 -16.25 18.26
CA GLY A 242 4.29 -15.34 18.60
C GLY A 242 4.86 -14.56 17.41
N ASP A 243 4.06 -14.35 16.37
CA ASP A 243 4.55 -13.58 15.23
C ASP A 243 4.74 -12.12 15.57
N ARG A 244 5.61 -11.47 14.82
CA ARG A 244 5.64 -10.01 14.82
C ARG A 244 4.30 -9.48 14.27
N VAL A 245 3.78 -8.41 14.83
CA VAL A 245 2.60 -7.79 14.30
C VAL A 245 2.94 -6.34 14.13
N HIS A 246 3.14 -5.91 12.90
CA HIS A 246 3.45 -4.54 12.56
C HIS A 246 2.25 -3.62 12.58
N ALA A 247 1.11 -4.14 12.18
CA ALA A 247 -0.14 -3.42 12.22
C ALA A 247 -1.25 -4.41 11.96
N VAL A 248 -2.47 -3.97 12.12
CA VAL A 248 -3.63 -4.77 11.89
C VAL A 248 -4.50 -4.12 10.80
N LEU A 249 -4.87 -4.92 9.81
CA LEU A 249 -5.89 -4.51 8.82
C LEU A 249 -7.27 -4.78 9.39
N LYS A 250 -8.07 -3.73 9.55
CA LYS A 250 -9.34 -3.84 10.24
C LYS A 250 -10.46 -3.97 9.24
N GLY A 251 -10.34 -3.31 8.08
CA GLY A 251 -11.38 -3.39 7.04
C GLY A 251 -10.86 -2.86 5.73
N ILE A 252 -11.32 -3.45 4.66
CA ILE A 252 -10.99 -3.04 3.30
C ILE A 252 -12.20 -3.21 2.41
N ALA A 253 -12.46 -2.25 1.51
CA ALA A 253 -13.58 -2.32 0.62
C ALA A 253 -13.15 -1.88 -0.76
N VAL A 254 -13.84 -2.41 -1.78
CA VAL A 254 -13.59 -2.12 -3.17
C VAL A 254 -14.93 -1.88 -3.82
N ASN A 255 -15.02 -0.94 -4.74
CA ASN A 255 -16.25 -0.79 -5.53
C ASN A 255 -15.85 -0.22 -6.89
N ASN A 256 -16.84 0.15 -7.68
CA ASN A 256 -16.62 0.66 -9.02
C ASN A 256 -17.46 1.91 -9.21
N ASP A 257 -16.92 2.88 -9.95
CA ASP A 257 -17.66 4.07 -10.32
C ASP A 257 -18.90 3.79 -11.15
N GLY A 258 -18.92 2.69 -11.87
CA GLY A 258 -20.07 2.49 -12.78
C GLY A 258 -20.01 3.36 -14.03
N ARG A 259 -21.14 3.83 -14.47
CA ARG A 259 -21.25 4.54 -15.70
C ARG A 259 -20.86 6.00 -15.45
N THR A 260 -19.75 6.45 -15.98
CA THR A 260 -19.36 7.88 -15.83
C THR A 260 -19.26 8.52 -17.23
N ALA A 261 -19.21 9.86 -17.29
CA ALA A 261 -19.10 10.56 -18.59
C ALA A 261 -17.83 10.19 -19.37
N GLY A 262 -16.75 9.85 -18.69
CA GLY A 262 -15.57 9.41 -19.38
C GLY A 262 -14.54 8.88 -18.41
N PRO A 263 -13.27 8.86 -18.83
CA PRO A 263 -12.25 8.14 -18.07
C PRO A 263 -11.80 8.85 -16.78
N ALA A 264 -11.46 10.14 -16.85
CA ALA A 264 -10.99 10.87 -15.66
C ALA A 264 -12.13 11.54 -14.86
N THR A 265 -13.37 11.07 -15.05
CA THR A 265 -14.54 11.65 -14.39
C THR A 265 -14.86 10.80 -13.16
N PRO A 266 -14.57 11.34 -12.00
CA PRO A 266 -14.82 10.64 -10.76
C PRO A 266 -16.34 10.55 -10.45
N ASN A 267 -16.71 9.57 -9.62
CA ASN A 267 -18.08 9.42 -9.15
C ASN A 267 -17.97 9.68 -7.65
N PRO A 268 -18.29 10.88 -7.22
CA PRO A 268 -18.21 11.23 -5.83
C PRO A 268 -18.96 10.26 -4.93
N ALA A 269 -20.13 9.81 -5.33
CA ALA A 269 -20.94 8.88 -4.49
C ALA A 269 -20.21 7.54 -4.28
N ALA A 270 -19.44 7.10 -5.28
CA ALA A 270 -18.70 5.84 -5.18
C ALA A 270 -17.51 6.03 -4.25
N GLN A 271 -16.89 7.18 -4.26
CA GLN A 271 -15.79 7.47 -3.31
C GLN A 271 -16.28 7.54 -1.88
N ARG A 272 -17.40 8.23 -1.62
CA ARG A 272 -18.02 8.17 -0.31
C ARG A 272 -18.37 6.74 0.08
N GLY A 273 -19.00 6.00 -0.82
CA GLY A 273 -19.47 4.68 -0.52
C GLY A 273 -18.34 3.71 -0.15
N VAL A 274 -17.22 3.75 -0.87
CA VAL A 274 -16.16 2.79 -0.60
C VAL A 274 -15.53 3.11 0.74
N ALA A 276 -17.09 4.70 3.36
CA ALA A 276 -18.07 4.31 4.38
C ALA A 276 -18.17 2.81 4.54
N ARG A 277 -18.07 2.04 3.47
CA ARG A 277 -18.05 0.59 3.58
C ARG A 277 -16.85 0.06 4.34
N ALA A 278 -15.66 0.56 4.04
CA ALA A 278 -14.47 0.04 4.75
C ALA A 278 -14.57 0.33 6.24
N LEU A 279 -15.03 1.51 6.57
CA LEU A 279 -15.27 1.85 7.98
C LEU A 279 -16.25 0.96 8.70
N ALA A 280 -17.39 0.68 8.06
CA ALA A 280 -18.33 -0.26 8.59
C ALA A 280 -17.72 -1.64 8.82
N LYS A 281 -16.92 -2.14 7.89
CA LYS A 281 -16.33 -3.46 8.04
C LYS A 281 -15.33 -3.43 9.19
N ALA A 282 -14.67 -2.30 9.38
CA ALA A 282 -13.69 -2.18 10.39
C ALA A 282 -14.30 -2.09 11.83
N GLY A 283 -15.55 -1.70 11.91
CA GLY A 283 -16.23 -1.54 13.18
C GLY A 283 -15.66 -0.38 13.98
N VAL A 284 -15.08 0.64 13.36
CA VAL A 284 -14.48 1.72 14.16
C VAL A 284 -15.28 3.01 13.96
N ALA A 285 -15.25 3.91 14.92
CA ALA A 285 -15.87 5.21 14.70
C ALA A 285 -15.05 6.01 13.70
N ALA A 286 -15.70 6.75 12.82
CA ALA A 286 -14.98 7.63 11.90
C ALA A 286 -13.99 8.56 12.59
N ASP A 287 -14.38 9.15 13.71
CA ASP A 287 -13.52 10.07 14.45
C ASP A 287 -12.24 9.44 14.99
N ASP A 288 -12.20 8.11 15.12
CA ASP A 288 -11.03 7.44 15.58
C ASP A 288 -9.95 7.31 14.53
N VAL A 289 -10.29 7.50 13.26
CA VAL A 289 -9.29 7.44 12.18
C VAL A 289 -8.63 8.81 12.13
N THR A 290 -7.34 8.83 12.43
CA THR A 290 -6.55 10.02 12.67
C THR A 290 -5.77 10.51 11.44
N TYR A 291 -5.44 9.62 10.53
CA TYR A 291 -4.65 9.95 9.36
C TYR A 291 -5.18 9.20 8.15
N ILE A 292 -5.23 9.86 7.01
CA ILE A 292 -5.58 9.25 5.74
C ILE A 292 -4.46 9.53 4.72
N GLU A 293 -3.89 8.45 4.20
CA GLU A 293 -3.10 8.49 2.98
C GLU A 293 -4.09 8.55 1.80
N THR A 294 -4.18 9.73 1.20
CA THR A 294 -5.19 10.09 0.24
C THR A 294 -4.83 9.50 -1.13
N ASN A 295 -5.82 9.47 -2.01
CA ASN A 295 -5.62 9.11 -3.39
C ASN A 295 -4.72 10.06 -4.12
N ALA A 296 -4.96 11.34 -3.94
CA ALA A 296 -4.06 12.36 -4.42
C ALA A 296 -3.84 12.28 -5.91
N ALA A 297 -4.92 12.47 -6.65
CA ALA A 297 -4.87 12.33 -8.10
C ALA A 297 -3.94 13.38 -8.72
N GLY A 298 -3.86 14.56 -8.16
CA GLY A 298 -3.00 15.62 -8.68
C GLY A 298 -3.67 16.41 -9.79
N SER A 299 -4.94 16.67 -9.60
CA SER A 299 -5.69 17.46 -10.53
C SER A 299 -6.83 18.07 -9.72
N GLN A 300 -7.13 19.33 -9.98
CA GLN A 300 -8.01 20.13 -9.14
C GLN A 300 -9.37 19.50 -8.90
N ILE A 301 -10.02 19.07 -9.96
CA ILE A 301 -11.41 18.55 -9.80
C ILE A 301 -11.49 17.25 -9.00
N PRO A 302 -10.69 16.25 -9.36
CA PRO A 302 -10.74 15.05 -8.53
C PRO A 302 -10.19 15.30 -7.13
N ASP A 303 -9.20 16.18 -6.96
CA ASP A 303 -8.66 16.42 -5.64
C ASP A 303 -9.71 17.08 -4.75
N LEU A 304 -10.42 18.05 -5.30
CA LEU A 304 -11.47 18.70 -4.55
C LEU A 304 -12.58 17.73 -4.17
N ILE A 305 -12.98 16.91 -5.13
CA ILE A 305 -13.97 15.88 -4.88
C ILE A 305 -13.52 14.97 -3.74
N GLU A 306 -12.26 14.58 -3.78
CA GLU A 306 -11.73 13.72 -2.73
C GLU A 306 -11.82 14.36 -1.38
N LEU A 307 -11.39 15.61 -1.26
CA LEU A 307 -11.40 16.29 0.04
C LEU A 307 -12.84 16.45 0.62
N LYS A 308 -13.80 16.77 -0.23
CA LYS A 308 -15.19 16.85 0.21
C LYS A 308 -15.72 15.50 0.60
N ALA A 309 -15.28 14.45 -0.08
CA ALA A 309 -15.81 13.12 0.24
C ALA A 309 -15.25 12.62 1.58
N ILE A 310 -13.94 12.84 1.80
CA ILE A 310 -13.34 12.62 3.14
C ILE A 310 -14.08 13.36 4.28
N ALA A 311 -14.31 14.65 4.11
CA ALA A 311 -15.03 15.40 5.09
C ALA A 311 -16.42 14.81 5.35
N ALA A 312 -17.13 14.45 4.28
CA ALA A 312 -18.50 13.96 4.42
C ALA A 312 -18.56 12.62 5.13
N VAL A 313 -17.61 11.75 4.89
CA VAL A 313 -17.66 10.44 5.46
C VAL A 313 -17.01 10.43 6.85
N TYR A 314 -15.85 11.05 6.97
CA TYR A 314 -15.02 10.94 8.19
C TYR A 314 -15.30 11.98 9.27
N ARG A 315 -15.76 13.15 8.85
CA ARG A 315 -15.94 14.30 9.73
C ARG A 315 -17.29 15.02 9.59
N ASP A 316 -18.35 14.26 9.37
CA ASP A 316 -19.67 14.84 9.18
C ASP A 316 -20.18 15.30 10.52
N GLY A 317 -20.29 16.60 10.71
CA GLY A 317 -20.69 17.19 12.00
C GLY A 317 -19.62 17.05 13.08
N SER A 318 -18.34 16.96 12.69
CA SER A 318 -17.26 16.78 13.65
C SER A 318 -16.18 17.81 13.46
N ASP A 319 -15.54 18.19 14.57
CA ASP A 319 -14.38 19.08 14.59
C ASP A 319 -13.11 18.33 14.92
N THR A 320 -13.13 16.99 15.03
CA THR A 320 -11.93 16.28 15.39
C THR A 320 -10.87 16.42 14.25
N PRO A 321 -9.61 16.79 14.56
CA PRO A 321 -8.62 16.88 13.49
C PRO A 321 -8.53 15.59 12.66
N CYS A 322 -8.29 15.76 11.37
CA CYS A 322 -7.98 14.63 10.49
C CYS A 322 -6.80 15.01 9.62
N SER A 323 -5.71 14.27 9.77
CA SER A 323 -4.48 14.54 9.10
C SER A 323 -4.36 13.80 7.75
N LEU A 324 -4.09 14.52 6.67
CA LEU A 324 -4.05 13.97 5.32
C LEU A 324 -2.65 14.02 4.78
N GLY A 325 -2.31 13.00 4.02
CA GLY A 325 -1.05 12.91 3.35
C GLY A 325 -1.05 12.14 2.02
N SER A 326 0.15 12.07 1.45
CA SER A 326 0.42 11.33 0.23
C SER A 326 1.90 11.07 0.06
N VAL A 327 2.27 9.86 -0.44
CA VAL A 327 3.66 9.55 -0.76
C VAL A 327 4.08 10.09 -2.09
N LYS A 328 3.12 10.49 -2.90
CA LYS A 328 3.47 10.79 -4.30
C LYS A 328 4.47 11.95 -4.47
N PRO A 329 4.38 13.01 -3.67
CA PRO A 329 5.42 14.03 -3.79
C PRO A 329 6.80 13.51 -3.38
N ASN A 330 6.88 12.44 -2.57
CA ASN A 330 8.15 11.88 -2.17
C ASN A 330 8.74 10.92 -3.22
N ILE A 331 7.91 10.08 -3.84
CA ILE A 331 8.44 9.04 -4.73
C ILE A 331 7.82 8.97 -6.11
N GLY A 332 6.97 9.93 -6.46
CA GLY A 332 6.21 9.93 -7.72
C GLY A 332 5.00 8.99 -7.65
N HIS A 333 4.49 8.58 -8.82
CA HIS A 333 3.30 7.74 -8.92
C HIS A 333 3.70 6.31 -9.36
N PRO A 334 3.80 5.35 -8.42
CA PRO A 334 4.26 3.99 -8.78
C PRO A 334 3.22 3.07 -9.41
N GLN A 335 2.24 3.64 -10.11
CA GLN A 335 1.21 2.90 -10.83
C GLN A 335 0.63 1.72 -9.99
N CYS A 336 0.82 0.44 -10.42
CA CYS A 336 0.23 -0.72 -9.69
C CYS A 336 0.76 -0.88 -8.30
N ALA A 337 1.95 -0.41 -8.05
CA ALA A 337 2.47 -0.42 -6.71
C ALA A 337 2.04 0.79 -5.81
N GLU A 338 1.18 1.68 -6.30
CA GLU A 338 0.88 2.93 -5.53
C GLU A 338 0.24 2.60 -4.22
N GLY A 339 -0.75 1.70 -4.29
CA GLY A 339 -1.46 1.32 -3.10
C GLY A 339 -0.52 0.68 -2.10
N ILE A 340 0.48 -0.05 -2.59
CA ILE A 340 1.28 -0.82 -1.65
C ILE A 340 2.28 0.14 -1.01
N ALA A 341 2.75 1.15 -1.73
CA ALA A 341 3.58 2.19 -1.14
C ALA A 341 2.86 2.97 -0.03
N GLY A 342 1.59 3.25 -0.25
CA GLY A 342 0.75 3.86 0.71
C GLY A 342 0.47 3.02 1.90
N VAL A 343 0.18 1.72 1.73
CA VAL A 343 -0.08 0.85 2.83
C VAL A 343 1.18 0.69 3.67
N ILE A 344 2.33 0.52 3.04
CA ILE A 344 3.60 0.32 3.79
C ILE A 344 3.95 1.60 4.61
N LYS A 345 3.78 2.76 4.00
CA LYS A 345 3.94 4.04 4.68
C LYS A 345 3.10 4.12 5.96
N THR A 346 1.83 3.84 5.81
CA THR A 346 0.92 3.88 6.94
C THR A 346 1.24 2.84 8.00
N VAL A 347 1.66 1.62 7.61
CA VAL A 347 2.05 0.62 8.57
C VAL A 347 3.27 1.11 9.31
N LEU A 348 4.22 1.68 8.61
CA LEU A 348 5.40 2.21 9.27
C LEU A 348 5.08 3.37 10.25
N LEU A 350 2.22 3.83 11.85
CA LEU A 350 1.52 3.21 12.99
C LEU A 350 2.49 2.50 13.93
N ARG A 351 3.40 1.76 13.35
CA ARG A 351 4.45 1.09 14.09
C ARG A 351 5.36 2.08 14.83
N ASN A 352 5.82 3.15 14.17
CA ASN A 352 6.68 4.13 14.84
C ASN A 352 5.90 5.19 15.62
N ARG A 353 4.57 5.17 15.55
CA ARG A 353 3.70 6.16 16.18
C ARG A 353 4.09 7.59 15.81
N ALA A 354 4.14 7.87 14.52
CA ALA A 354 4.47 9.19 14.10
C ALA A 354 3.78 9.51 12.81
N ILE A 355 3.55 10.80 12.62
CA ILE A 355 3.03 11.32 11.38
C ILE A 355 4.16 11.98 10.63
N VAL A 356 4.34 11.59 9.37
CA VAL A 356 5.36 12.17 8.54
C VAL A 356 4.89 13.44 7.83
N PRO A 357 5.86 14.24 7.39
CA PRO A 357 5.49 15.48 6.71
C PRO A 357 4.76 15.23 5.40
N PHE A 358 3.84 16.10 5.08
CA PHE A 358 3.30 16.21 3.75
C PHE A 358 4.04 17.30 2.97
N LEU A 359 4.47 16.97 1.75
CA LEU A 359 5.28 17.89 0.96
C LEU A 359 4.52 18.97 0.16
N SER A 360 3.44 18.64 -0.52
CA SER A 360 2.75 19.60 -1.41
CA SER A 360 2.75 19.61 -1.41
C SER A 360 1.70 20.49 -0.68
N GLY A 361 0.51 20.71 -1.30
CA GLY A 361 -0.62 21.48 -0.71
C GLY A 361 -0.43 22.98 -0.47
N ARG A 362 0.59 23.55 -1.13
CA ARG A 362 1.16 24.84 -0.76
C ARG A 362 0.54 25.98 -1.61
N GLN A 363 -0.70 25.77 -2.07
CA GLN A 363 -1.37 26.70 -2.97
C GLN A 363 -2.83 26.24 -3.03
N PRO A 364 -3.60 26.49 -1.95
CA PRO A 364 -4.84 25.74 -1.76
C PRO A 364 -5.80 25.91 -2.94
N LEU A 365 -6.74 24.98 -3.04
CA LEU A 365 -7.64 24.91 -4.17
C LEU A 365 -8.61 26.08 -4.02
N GLU A 366 -9.40 26.33 -5.06
CA GLU A 366 -10.14 27.59 -5.14
CA GLU A 366 -10.14 27.59 -5.15
C GLU A 366 -11.55 27.50 -4.59
N HIS A 367 -12.09 26.28 -4.48
CA HIS A 367 -13.48 26.11 -4.06
C HIS A 367 -13.59 25.23 -2.81
N PHE A 368 -12.62 25.40 -1.90
CA PHE A 368 -12.55 24.62 -0.67
C PHE A 368 -11.98 25.42 0.50
N ASP A 369 -12.78 25.64 1.53
CA ASP A 369 -12.33 26.34 2.73
C ASP A 369 -11.55 25.41 3.69
N PHE A 370 -10.22 25.54 3.71
CA PHE A 370 -9.34 24.81 4.65
C PHE A 370 -9.32 25.45 6.05
N ALA A 371 -10.27 26.33 6.35
CA ALA A 371 -10.40 26.93 7.67
C ALA A 371 -11.82 26.74 8.24
N ALA A 372 -12.66 25.97 7.54
CA ALA A 372 -13.98 25.58 8.07
C ALA A 372 -14.04 24.08 8.34
N THR A 373 -13.03 23.32 7.85
CA THR A 373 -12.96 21.86 8.03
C THR A 373 -11.89 21.57 9.00
N PRO A 374 -12.02 20.43 9.69
CA PRO A 374 -10.91 19.98 10.50
C PRO A 374 -9.84 19.15 9.73
N LEU A 375 -9.90 19.07 8.40
CA LEU A 375 -8.86 18.38 7.65
C LEU A 375 -7.57 19.22 7.77
N ARG A 376 -6.42 18.59 7.92
CA ARG A 376 -5.18 19.33 7.89
C ARG A 376 -4.02 18.51 7.26
N PHE A 377 -2.95 19.22 6.93
CA PHE A 377 -1.74 18.63 6.38
C PHE A 377 -0.56 18.88 7.33
N GLU A 378 0.04 17.84 7.90
CA GLU A 378 1.20 18.00 8.76
CA GLU A 378 1.20 18.01 8.79
C GLU A 378 2.42 18.38 7.94
N ARG A 379 3.17 19.35 8.41
CA ARG A 379 4.36 19.77 7.72
C ARG A 379 5.62 19.20 8.39
N ALA A 380 5.52 18.70 9.62
CA ALA A 380 6.71 18.20 10.31
C ALA A 380 6.55 16.71 10.65
N LEU A 381 7.65 16.06 11.00
CA LEU A 381 7.58 14.79 11.69
C LEU A 381 7.05 15.01 13.11
N THR A 382 5.93 14.43 13.46
CA THR A 382 5.41 14.68 14.79
C THR A 382 5.05 13.37 15.43
N PRO A 383 5.17 13.30 16.76
CA PRO A 383 4.68 12.10 17.43
C PRO A 383 3.19 12.00 17.21
N TRP A 384 2.66 10.80 17.36
CA TRP A 384 1.26 10.60 17.08
C TRP A 384 0.50 11.57 17.98
N PRO A 385 -0.54 12.21 17.47
CA PRO A 385 -1.33 13.05 18.35
C PRO A 385 -2.04 12.24 19.42
N ASP A 386 -2.76 12.93 20.29
CA ASP A 386 -3.49 12.30 21.37
C ASP A 386 -4.84 11.82 20.80
N ALA A 387 -4.81 10.67 20.12
CA ALA A 387 -5.95 10.17 19.35
C ALA A 387 -5.63 8.74 18.95
N PRO A 388 -6.64 7.97 18.54
CA PRO A 388 -6.34 6.54 18.36
C PRO A 388 -5.35 6.24 17.22
N LEU A 389 -4.66 5.10 17.36
CA LEU A 389 -3.71 4.65 16.34
C LEU A 389 -4.47 3.91 15.21
N LEU A 390 -5.18 4.68 14.41
CA LEU A 390 -5.91 4.22 13.27
C LEU A 390 -5.65 5.17 12.10
N ALA A 391 -5.45 4.56 10.93
CA ALA A 391 -5.19 5.25 9.69
C ALA A 391 -5.88 4.54 8.51
N ALA A 392 -6.06 5.26 7.42
CA ALA A 392 -6.70 4.72 6.24
C ALA A 392 -5.90 5.10 4.99
N VAL A 393 -6.14 4.34 3.93
CA VAL A 393 -5.46 4.45 2.66
C VAL A 393 -6.46 4.31 1.56
N SER A 394 -6.42 5.21 0.60
CA SER A 394 -7.33 5.22 -0.50
C SER A 394 -6.61 5.05 -1.79
N SER A 395 -7.26 4.39 -2.74
CA SER A 395 -6.81 4.41 -4.10
C SER A 395 -7.98 4.38 -5.06
N PHE A 396 -8.15 5.43 -5.86
CA PHE A 396 -9.28 5.61 -6.72
C PHE A 396 -8.72 5.73 -8.13
N ALA A 397 -8.87 4.70 -8.93
CA ALA A 397 -8.24 4.60 -10.23
C ALA A 397 -9.12 5.15 -11.31
N ASP A 398 -8.50 5.77 -12.32
CA ASP A 398 -9.20 6.24 -13.52
C ASP A 398 -10.09 5.19 -14.20
N GLY A 399 -9.58 3.97 -14.34
CA GLY A 399 -10.42 2.82 -14.77
C GLY A 399 -11.81 2.61 -14.13
N GLY A 400 -12.10 3.13 -12.95
CA GLY A 400 -13.43 2.92 -12.37
C GLY A 400 -13.32 2.32 -11.00
N THR A 401 -12.22 1.66 -10.70
CA THR A 401 -12.07 0.91 -9.43
C THR A 401 -11.63 1.81 -8.26
N ASN A 402 -12.35 1.76 -7.13
CA ASN A 402 -11.94 2.41 -5.93
C ASN A 402 -11.73 1.41 -4.82
N ALA A 403 -10.79 1.73 -3.94
CA ALA A 403 -10.49 0.90 -2.82
C ALA A 403 -10.11 1.75 -1.63
N HIS A 404 -10.40 1.26 -0.43
CA HIS A 404 -10.07 1.98 0.79
C HIS A 404 -9.86 0.99 1.91
N ALA A 405 -8.78 1.17 2.66
CA ALA A 405 -8.42 0.25 3.71
C ALA A 405 -8.23 1.04 5.01
N VAL A 406 -8.62 0.41 6.11
CA VAL A 406 -8.47 0.95 7.47
C VAL A 406 -7.53 0.03 8.27
N LEU A 407 -6.48 0.63 8.85
CA LEU A 407 -5.44 -0.06 9.58
C LEU A 407 -5.25 0.51 11.01
N ALA A 408 -4.83 -0.35 11.95
CA ALA A 408 -4.67 -0.03 13.35
C ALA A 408 -3.27 -0.41 13.78
N GLY A 409 -2.73 0.36 14.71
CA GLY A 409 -1.47 0.03 15.34
C GLY A 409 -1.68 -1.13 16.30
N ARG A 410 -0.61 -1.86 16.57
CA ARG A 410 -0.45 -2.80 17.72
C ARG A 410 -0.56 -4.27 17.32
N GLY A 416 4.66 -10.74 20.00
CA GLY A 416 5.71 -9.93 19.42
C GLY A 416 7.04 -10.62 19.16
N ARG A 417 7.32 -11.76 19.83
CA ARG A 417 8.65 -12.43 19.89
C ARG A 417 8.93 -13.63 18.93
N ARG A 418 8.98 -13.34 17.64
CA ARG A 418 9.71 -14.08 16.63
C ARG A 418 10.62 -12.97 16.10
N ALA A 419 11.85 -13.28 15.78
CA ALA A 419 12.81 -12.24 15.42
C ALA A 419 12.99 -12.27 13.91
N PRO A 420 13.22 -11.10 13.30
CA PRO A 420 13.54 -11.10 11.88
C PRO A 420 14.81 -11.89 11.54
N LEU A 421 14.84 -12.58 10.41
CA LEU A 421 16.07 -13.20 9.96
C LEU A 421 16.83 -12.15 9.18
N ASP A 422 18.16 -12.26 9.18
CA ASP A 422 18.98 -11.58 8.18
C ASP A 422 18.61 -11.92 6.71
N ARG A 423 18.61 -10.91 5.85
CA ARG A 423 18.47 -11.12 4.42
C ARG A 423 19.68 -11.88 3.92
N PRO A 424 19.51 -12.93 3.14
CA PRO A 424 20.74 -13.50 2.57
C PRO A 424 21.47 -12.52 1.66
N ARG A 425 22.78 -12.66 1.55
CA ARG A 425 23.56 -11.83 0.63
C ARG A 425 23.41 -12.43 -0.77
N LEU A 426 22.73 -11.72 -1.66
CA LEU A 426 22.52 -12.17 -3.02
C LEU A 426 23.68 -11.67 -3.90
N ALA A 427 24.10 -12.46 -4.86
CA ALA A 427 25.23 -12.08 -5.72
C ALA A 427 24.68 -11.58 -7.05
N ARG A 428 24.44 -10.27 -7.14
CA ARG A 428 23.76 -9.68 -8.29
C ARG A 428 24.58 -9.37 -9.55
N ARG A 429 23.99 -9.70 -10.70
CA ARG A 429 24.56 -9.40 -12.00
C ARG A 429 23.42 -9.09 -12.98
N GLY A 430 23.74 -8.33 -14.05
CA GLY A 430 22.83 -8.06 -15.17
C GLY A 430 23.19 -9.02 -16.30
#